data_3KDT
#
_entry.id   3KDT
#
_cell.length_a   64.754
_cell.length_b   64.754
_cell.length_c   123.664
_cell.angle_alpha   90.000
_cell.angle_beta   90.000
_cell.angle_gamma   90.000
#
_symmetry.space_group_name_H-M   'P 41'
#
loop_
_entity.id
_entity.type
_entity.pdbx_description
1 polymer 'Peroxisome proliferator-activated receptor alpha'
2 non-polymer N-(3-{[2-(4-chlorophenyl)-5-methyl-1,3-oxazol-4-yl]methoxy}benzyl)-N-(methoxycarbonyl)glycine
3 water water
#
_entity_poly.entity_id   1
_entity_poly.type   'polypeptide(L)'
_entity_poly.pdbx_seq_one_letter_code
;GSHMEDSETADLKSLAKRIYEAYLKNFNMNKVKARVILSGKASNNPPFVIHDMETLCMAEKTLVAKLVANGIQNKEAEVR
IFHCCQCTSVETVTELTEFAKAIPGFANLDLNDQVTLLKYGVYEAIFAMLSSVMNKDGMLVAYGNGFITREFLKSLRKPF
CDIMEPKFDFAMKFNALELDDSDISLFVAAIICCGDRPGLLNVGHIEKMQEGIVHVLRLHLQSNHPDDIFLFPKLLQKMA
DLRQLVTEHAQLVQIIKKTESDAALHPLLQEIYRDMY
;
_entity_poly.pdbx_strand_id   A,B
#
# COMPACT_ATOMS: atom_id res chain seq x y z
N SER A 7 46.98 7.42 -13.32
CA SER A 7 46.07 8.02 -12.30
C SER A 7 45.94 9.54 -12.45
N GLU A 8 44.72 10.00 -12.71
CA GLU A 8 44.35 11.39 -12.52
C GLU A 8 43.11 11.38 -11.62
N THR A 9 42.41 10.26 -11.68
CA THR A 9 41.20 10.00 -10.88
C THR A 9 41.51 9.67 -9.40
N ALA A 10 42.80 9.68 -9.04
CA ALA A 10 43.21 9.52 -7.65
C ALA A 10 42.77 10.73 -6.83
N ASP A 11 42.63 11.87 -7.54
CA ASP A 11 42.00 13.08 -7.01
C ASP A 11 40.57 12.77 -6.54
N LEU A 12 39.83 12.10 -7.42
CA LEU A 12 38.39 11.84 -7.26
C LEU A 12 38.06 10.77 -6.22
N LYS A 13 38.79 9.64 -6.25
CA LYS A 13 38.56 8.57 -5.29
C LYS A 13 38.73 9.09 -3.86
N SER A 14 39.60 10.09 -3.72
CA SER A 14 39.81 10.79 -2.48
C SER A 14 38.52 11.50 -2.06
N LEU A 15 38.10 12.47 -2.86
CA LEU A 15 36.88 13.26 -2.67
C LEU A 15 35.67 12.42 -2.22
N ALA A 16 35.58 11.21 -2.75
CA ALA A 16 34.51 10.24 -2.48
C ALA A 16 34.51 9.75 -1.03
N LYS A 17 35.71 9.58 -0.48
CA LYS A 17 35.86 9.20 0.93
C LYS A 17 35.59 10.39 1.84
N ARG A 18 36.00 11.58 1.39
CA ARG A 18 35.81 12.83 2.14
C ARG A 18 34.32 13.12 2.38
N ILE A 19 33.50 12.93 1.35
CA ILE A 19 32.05 13.12 1.44
C ILE A 19 31.40 12.02 2.29
N TYR A 20 31.86 10.78 2.09
CA TYR A 20 31.31 9.63 2.78
C TYR A 20 31.66 9.60 4.28
N GLU A 21 32.83 10.16 4.63
CA GLU A 21 33.24 10.32 6.03
C GLU A 21 32.35 11.36 6.66
N ALA A 22 32.20 12.49 5.96
CA ALA A 22 31.26 13.53 6.36
C ALA A 22 29.84 12.97 6.52
N TYR A 23 29.48 12.02 5.65
CA TYR A 23 28.18 11.37 5.73
C TYR A 23 28.09 10.51 7.00
N LEU A 24 29.13 9.74 7.29
CA LEU A 24 29.14 8.87 8.48
C LEU A 24 29.20 9.66 9.78
N LYS A 25 29.93 10.77 9.74
CA LYS A 25 30.08 11.69 10.87
C LYS A 25 28.78 12.44 11.20
N ASN A 26 28.26 13.17 10.23
CA ASN A 26 27.18 14.11 10.49
C ASN A 26 25.77 13.53 10.43
N PHE A 27 25.65 12.21 10.32
CA PHE A 27 24.33 11.57 10.27
C PHE A 27 24.23 10.41 11.22
N ASN A 28 23.51 10.62 12.32
CA ASN A 28 23.28 9.57 13.31
C ASN A 28 22.57 8.34 12.74
N MET A 29 21.76 8.55 11.71
CA MET A 29 21.01 7.44 11.08
C MET A 29 21.47 7.15 9.64
N ASN A 30 21.92 5.91 9.42
CA ASN A 30 22.40 5.45 8.09
C ASN A 30 21.85 4.08 7.67
N LYS A 31 21.81 3.83 6.35
CA LYS A 31 21.26 2.59 5.79
C LYS A 31 21.84 1.32 6.41
N VAL A 32 23.16 1.24 6.51
CA VAL A 32 23.80 0.06 7.10
C VAL A 32 23.35 -0.17 8.55
N LYS A 33 23.31 0.89 9.35
CA LYS A 33 22.81 0.81 10.73
C LYS A 33 21.33 0.48 10.76
N ALA A 34 20.56 1.11 9.87
CA ALA A 34 19.11 0.93 9.83
C ALA A 34 18.70 -0.47 9.35
N ARG A 35 19.49 -1.03 8.45
CA ARG A 35 19.22 -2.39 7.93
C ARG A 35 19.57 -3.47 8.95
N VAL A 36 20.57 -3.21 9.79
CA VAL A 36 20.94 -4.13 10.87
C VAL A 36 19.88 -4.17 11.99
N ILE A 37 19.36 -3.00 12.34
CA ILE A 37 18.30 -2.88 13.35
C ILE A 37 17.06 -3.70 12.99
N LEU A 38 16.51 -3.47 11.79
CA LEU A 38 15.27 -4.12 11.38
C LEU A 38 15.40 -5.58 10.93
N SER A 39 16.61 -6.13 11.03
CA SER A 39 16.88 -7.52 10.64
C SER A 39 16.03 -8.53 11.42
N GLY A 40 16.28 -8.61 12.73
CA GLY A 40 15.95 -9.79 13.52
C GLY A 40 17.28 -10.36 14.00
N LYS A 41 18.35 -9.81 13.42
CA LYS A 41 19.71 -9.88 13.97
C LYS A 41 19.91 -8.60 14.79
N ALA A 42 18.86 -8.22 15.53
CA ALA A 42 18.69 -6.91 16.20
C ALA A 42 19.90 -6.40 16.98
N SER A 43 20.73 -7.35 17.44
CA SER A 43 21.93 -7.09 18.27
C SER A 43 21.60 -6.30 19.54
N ASN A 44 21.02 -7.03 20.51
CA ASN A 44 20.46 -6.46 21.75
C ASN A 44 18.92 -6.56 21.71
N ASN A 45 18.24 -5.44 21.97
CA ASN A 45 16.80 -5.36 21.80
C ASN A 45 16.44 -4.87 20.40
N PRO A 46 15.36 -5.42 19.83
CA PRO A 46 14.74 -4.87 18.62
C PRO A 46 13.99 -3.54 18.89
N PRO A 47 13.56 -2.84 17.82
CA PRO A 47 12.66 -1.67 17.92
C PRO A 47 11.37 -1.93 18.69
N PHE A 48 10.57 -0.88 18.85
CA PHE A 48 9.24 -1.00 19.44
C PHE A 48 8.21 -0.60 18.39
N VAL A 49 7.29 -1.52 18.10
CA VAL A 49 6.30 -1.33 17.04
C VAL A 49 5.09 -0.51 17.48
N ILE A 50 4.72 0.47 16.66
CA ILE A 50 3.46 1.17 16.75
C ILE A 50 2.57 0.66 15.65
N HIS A 51 1.39 0.15 16.00
CA HIS A 51 0.38 -0.26 15.00
C HIS A 51 -0.95 0.46 15.19
N ASP A 52 -1.16 0.99 16.40
CA ASP A 52 -2.30 1.89 16.71
C ASP A 52 -2.14 2.61 18.05
N MET A 53 -3.18 3.38 18.40
CA MET A 53 -3.33 4.13 19.65
C MET A 53 -2.54 3.63 20.85
N GLU A 54 -2.95 2.47 21.35
CA GLU A 54 -2.39 1.86 22.56
C GLU A 54 -0.86 1.88 22.55
N THR A 55 -0.31 1.35 21.46
CA THR A 55 1.13 1.25 21.25
C THR A 55 1.79 2.61 20.95
N LEU A 56 1.03 3.49 20.29
CA LEU A 56 1.44 4.86 20.01
C LEU A 56 1.64 5.63 21.31
N CYS A 57 0.68 5.50 22.21
CA CYS A 57 0.69 6.24 23.46
C CYS A 57 1.58 5.58 24.49
N MET A 58 1.90 4.31 24.27
CA MET A 58 2.97 3.67 25.01
C MET A 58 4.32 4.16 24.51
N ALA A 59 4.37 4.51 23.22
CA ALA A 59 5.57 5.07 22.59
C ALA A 59 5.76 6.54 23.00
N GLU A 60 4.69 7.33 22.94
CA GLU A 60 4.70 8.72 23.39
C GLU A 60 5.09 8.86 24.86
N LYS A 61 4.87 7.78 25.62
CA LYS A 61 5.43 7.64 26.96
C LYS A 61 6.95 7.55 26.84
N THR A 62 7.44 6.37 26.47
CA THR A 62 8.86 6.03 26.60
C THR A 62 9.83 6.65 25.60
N LEU A 63 9.33 7.11 24.46
CA LEU A 63 10.20 7.49 23.31
C LEU A 63 10.35 9.00 22.97
N VAL A 64 9.51 9.86 23.56
CA VAL A 64 9.58 11.32 23.32
C VAL A 64 9.69 12.19 24.60
N ALA A 65 9.46 13.50 24.43
CA ALA A 65 9.48 14.45 25.55
C ALA A 65 8.09 15.05 25.78
N ILE A 72 1.11 17.75 22.67
CA ILE A 72 1.39 16.36 23.09
C ILE A 72 0.11 15.62 23.54
N GLN A 73 0.03 15.27 24.84
CA GLN A 73 -1.09 14.49 25.43
C GLN A 73 -2.47 15.17 25.32
N ASN A 74 -2.44 16.49 25.26
CA ASN A 74 -3.62 17.35 25.10
C ASN A 74 -4.33 17.13 23.75
N LYS A 75 -3.57 16.70 22.75
CA LYS A 75 -3.98 16.79 21.33
C LYS A 75 -4.45 15.48 20.69
N GLU A 76 -5.20 15.61 19.59
CA GLU A 76 -5.64 14.49 18.75
C GLU A 76 -4.43 13.66 18.32
N ALA A 77 -4.65 12.39 17.98
CA ALA A 77 -3.53 11.47 17.64
C ALA A 77 -2.89 11.66 16.26
N GLU A 78 -3.59 12.36 15.36
CA GLU A 78 -3.08 12.67 14.01
C GLU A 78 -2.02 13.75 14.05
N VAL A 79 -2.31 14.80 14.81
CA VAL A 79 -1.43 15.94 14.92
C VAL A 79 -0.20 15.58 15.76
N ARG A 80 -0.35 14.64 16.69
CA ARG A 80 0.81 14.10 17.44
C ARG A 80 1.88 13.60 16.46
N ILE A 81 1.44 12.83 15.48
CA ILE A 81 2.30 12.31 14.43
C ILE A 81 2.81 13.48 13.57
N PHE A 82 1.90 14.32 13.08
CA PHE A 82 2.26 15.51 12.31
C PHE A 82 3.39 16.34 12.94
N HIS A 83 3.30 16.57 14.24
CA HIS A 83 4.29 17.36 14.97
C HIS A 83 5.57 16.55 15.14
N CYS A 84 5.43 15.32 15.63
CA CYS A 84 6.57 14.42 15.79
C CYS A 84 7.43 14.32 14.54
N CYS A 85 6.78 14.36 13.38
CA CYS A 85 7.41 14.36 12.06
C CYS A 85 8.35 15.54 11.86
N GLN A 86 7.92 16.71 12.33
CA GLN A 86 8.71 17.92 12.21
C GLN A 86 9.92 17.91 13.14
N CYS A 87 9.78 17.32 14.34
CA CYS A 87 10.91 17.12 15.26
C CYS A 87 12.04 16.39 14.56
N THR A 88 11.67 15.38 13.78
CA THR A 88 12.63 14.53 13.08
C THR A 88 13.26 15.28 11.90
N SER A 89 12.43 15.98 11.14
CA SER A 89 12.91 16.64 9.94
C SER A 89 13.83 17.82 10.25
N VAL A 90 13.53 18.54 11.34
CA VAL A 90 14.39 19.64 11.81
C VAL A 90 15.77 19.17 12.26
N GLU A 91 15.81 18.07 13.02
CA GLU A 91 17.06 17.42 13.38
C GLU A 91 17.85 17.09 12.12
N THR A 92 17.16 16.47 11.17
CA THR A 92 17.77 16.04 9.91
C THR A 92 18.29 17.23 9.10
N VAL A 93 17.50 18.31 9.03
CA VAL A 93 17.94 19.56 8.40
C VAL A 93 19.25 20.04 9.03
N THR A 94 19.35 19.93 10.34
CA THR A 94 20.55 20.32 11.03
C THR A 94 21.69 19.42 10.62
N GLU A 95 21.47 18.10 10.65
CA GLU A 95 22.49 17.14 10.24
C GLU A 95 22.92 17.42 8.80
N LEU A 96 21.96 17.81 7.97
CA LEU A 96 22.24 18.05 6.56
C LEU A 96 23.10 19.27 6.31
N THR A 97 22.96 20.28 7.17
CA THR A 97 23.75 21.49 7.04
C THR A 97 25.20 21.23 7.41
N GLU A 98 25.39 20.51 8.52
CA GLU A 98 26.74 20.12 8.98
C GLU A 98 27.46 19.25 7.93
N PHE A 99 26.68 18.41 7.26
CA PHE A 99 27.16 17.61 6.14
C PHE A 99 27.47 18.45 4.90
N ALA A 100 26.67 19.48 4.63
CA ALA A 100 26.90 20.36 3.47
C ALA A 100 28.21 21.13 3.62
N LYS A 101 28.44 21.67 4.82
CA LYS A 101 29.67 22.37 5.13
C LYS A 101 30.90 21.49 4.99
N ALA A 102 30.73 20.18 5.21
CA ALA A 102 31.84 19.23 5.07
C ALA A 102 31.99 18.70 3.64
N ILE A 103 31.30 19.31 2.68
CA ILE A 103 31.52 18.99 1.28
C ILE A 103 32.58 19.95 0.75
N PRO A 104 33.67 19.38 0.19
CA PRO A 104 34.72 20.24 -0.33
C PRO A 104 34.12 21.16 -1.37
N GLY A 105 34.38 22.46 -1.19
CA GLY A 105 33.88 23.49 -2.09
C GLY A 105 32.70 24.27 -1.55
N PHE A 106 31.83 23.60 -0.79
CA PHE A 106 30.59 24.21 -0.29
C PHE A 106 30.84 25.47 0.52
N ALA A 107 31.75 25.40 1.49
CA ALA A 107 32.15 26.57 2.30
C ALA A 107 32.63 27.78 1.46
N ASN A 108 33.38 27.50 0.38
CA ASN A 108 33.94 28.54 -0.49
C ASN A 108 32.89 29.47 -1.12
N LEU A 109 31.63 29.07 -1.10
CA LEU A 109 30.56 29.78 -1.80
C LEU A 109 29.98 30.92 -0.99
N ASP A 110 29.48 31.92 -1.71
CA ASP A 110 28.79 33.05 -1.11
C ASP A 110 27.86 32.52 -0.03
N LEU A 111 27.85 33.22 1.10
CA LEU A 111 26.96 32.93 2.21
C LEU A 111 25.54 32.63 1.69
N ASN A 112 25.00 33.53 0.88
CA ASN A 112 23.65 33.39 0.34
C ASN A 112 23.45 32.32 -0.72
N ASP A 113 24.55 31.73 -1.17
CA ASP A 113 24.49 30.57 -2.03
C ASP A 113 24.47 29.31 -1.16
N GLN A 114 25.18 29.35 -0.05
CA GLN A 114 25.16 28.25 0.91
C GLN A 114 23.78 28.08 1.52
N VAL A 115 23.01 29.16 1.60
CA VAL A 115 21.67 29.09 2.15
C VAL A 115 20.64 28.63 1.10
N THR A 116 20.88 28.95 -0.16
CA THR A 116 19.90 28.62 -1.20
C THR A 116 19.93 27.15 -1.62
N LEU A 117 21.13 26.60 -1.82
CA LEU A 117 21.30 25.19 -2.17
C LEU A 117 20.67 24.34 -1.10
N LEU A 118 20.91 24.76 0.15
CA LEU A 118 20.37 24.08 1.31
C LEU A 118 18.85 24.17 1.41
N LYS A 119 18.29 25.29 0.96
CA LYS A 119 16.86 25.55 1.01
C LYS A 119 16.13 24.54 0.13
N TYR A 120 16.53 24.48 -1.13
CA TYR A 120 15.85 23.62 -2.09
C TYR A 120 16.31 22.16 -2.04
N GLY A 121 17.46 21.91 -1.43
CA GLY A 121 17.98 20.56 -1.36
C GLY A 121 17.49 19.68 -0.22
N VAL A 122 17.33 20.28 0.96
CA VAL A 122 17.17 19.49 2.19
C VAL A 122 16.05 18.46 2.14
N TYR A 123 14.91 18.82 1.55
CA TYR A 123 13.79 17.89 1.46
C TYR A 123 14.05 16.75 0.48
N GLU A 124 14.45 17.10 -0.74
CA GLU A 124 14.86 16.09 -1.70
C GLU A 124 15.81 15.11 -1.00
N ALA A 125 16.69 15.64 -0.17
CA ALA A 125 17.67 14.82 0.54
C ALA A 125 17.06 14.06 1.71
N ILE A 126 16.14 14.70 2.43
CA ILE A 126 15.48 14.01 3.54
C ILE A 126 14.77 12.78 2.99
N PHE A 127 14.02 12.95 1.92
CA PHE A 127 13.24 11.83 1.40
C PHE A 127 14.09 10.75 0.76
N ALA A 128 15.24 11.12 0.22
CA ALA A 128 16.13 10.10 -0.32
C ALA A 128 16.71 9.23 0.80
N MET A 129 17.12 9.87 1.90
CA MET A 129 17.70 9.16 3.06
C MET A 129 16.64 8.47 3.89
N LEU A 130 15.42 9.01 3.87
CA LEU A 130 14.26 8.40 4.48
C LEU A 130 14.04 6.97 4.01
N SER A 131 14.48 6.67 2.78
CA SER A 131 14.27 5.34 2.22
C SER A 131 15.05 4.33 3.02
N SER A 132 16.22 4.75 3.52
CA SER A 132 17.08 3.89 4.33
C SER A 132 16.38 3.26 5.53
N VAL A 133 15.43 3.98 6.12
CA VAL A 133 14.78 3.55 7.37
C VAL A 133 13.36 3.05 7.12
N MET A 134 13.03 2.86 5.85
CA MET A 134 11.74 2.36 5.46
C MET A 134 11.87 0.99 4.82
N ASN A 135 10.89 0.14 5.08
CA ASN A 135 10.59 -0.99 4.21
C ASN A 135 9.09 -0.96 3.86
N LYS A 136 8.56 -2.06 3.35
CA LYS A 136 7.15 -2.10 2.90
C LYS A 136 6.14 -2.04 4.04
N ASP A 137 6.58 -2.43 5.25
CA ASP A 137 5.69 -2.52 6.39
C ASP A 137 5.70 -1.27 7.28
N GLY A 138 6.86 -0.65 7.44
CA GLY A 138 6.92 0.59 8.21
C GLY A 138 8.26 1.27 8.16
N MET A 139 8.52 2.12 9.14
CA MET A 139 9.76 2.89 9.20
C MET A 139 10.36 3.03 10.59
N LEU A 140 11.67 3.24 10.63
CA LEU A 140 12.37 3.45 11.88
C LEU A 140 12.23 4.89 12.35
N VAL A 141 11.54 5.05 13.48
CA VAL A 141 11.40 6.35 14.15
C VAL A 141 12.18 6.40 15.46
N ALA A 142 12.06 7.54 16.14
CA ALA A 142 12.76 7.79 17.41
C ALA A 142 14.16 7.17 17.42
N TYR A 143 15.03 7.70 16.56
CA TYR A 143 16.46 7.38 16.58
C TYR A 143 16.73 5.89 16.36
N GLY A 144 15.69 5.19 15.92
CA GLY A 144 15.79 3.77 15.59
C GLY A 144 15.18 2.87 16.64
N ASN A 145 14.76 3.46 17.75
CA ASN A 145 14.17 2.72 18.86
C ASN A 145 12.72 2.33 18.61
N GLY A 146 12.05 3.07 17.73
CA GLY A 146 10.66 2.81 17.38
C GLY A 146 10.48 2.29 15.96
N PHE A 147 9.23 1.99 15.61
CA PHE A 147 8.83 1.50 14.30
C PHE A 147 7.34 1.66 14.15
N ILE A 148 6.91 2.48 13.19
CA ILE A 148 5.48 2.72 12.97
C ILE A 148 5.03 2.15 11.61
N THR A 149 4.00 1.31 11.63
CA THR A 149 3.54 0.63 10.40
C THR A 149 3.03 1.61 9.36
N ARG A 150 3.25 1.24 8.10
CA ARG A 150 2.71 1.96 6.95
C ARG A 150 1.19 1.89 6.96
N GLU A 151 0.67 0.70 7.28
CA GLU A 151 -0.76 0.46 7.41
C GLU A 151 -1.39 1.47 8.39
N PHE A 152 -0.83 1.55 9.60
CA PHE A 152 -1.29 2.51 10.61
C PHE A 152 -1.31 3.94 10.09
N LEU A 153 -0.27 4.33 9.34
CA LEU A 153 -0.21 5.67 8.76
C LEU A 153 -1.31 5.90 7.73
N LYS A 154 -1.65 4.86 6.98
CA LYS A 154 -2.74 4.92 6.01
C LYS A 154 -4.10 4.89 6.67
N SER A 155 -4.21 4.13 7.77
CA SER A 155 -5.46 4.13 8.55
C SER A 155 -5.50 5.27 9.57
N LEU A 156 -5.04 6.45 9.16
CA LEU A 156 -5.31 7.70 9.86
C LEU A 156 -6.21 8.52 8.95
N ARG A 157 -6.97 9.44 9.53
CA ARG A 157 -7.99 10.15 8.76
C ARG A 157 -7.36 11.16 7.83
N LYS A 158 -8.08 11.49 6.77
CA LYS A 158 -7.65 12.48 5.78
C LYS A 158 -7.44 13.87 6.42
N PRO A 159 -6.55 14.70 5.82
CA PRO A 159 -5.67 14.35 4.71
C PRO A 159 -4.31 13.80 5.19
N PHE A 160 -4.22 13.49 6.48
CA PHE A 160 -3.00 13.03 7.13
C PHE A 160 -2.45 11.67 6.65
N CYS A 161 -3.24 10.91 5.92
CA CYS A 161 -2.78 9.58 5.47
C CYS A 161 -2.20 9.67 4.08
N ASP A 162 -2.55 10.76 3.39
CA ASP A 162 -1.95 11.09 2.11
C ASP A 162 -0.53 11.65 2.25
N ILE A 163 -0.09 11.85 3.49
CA ILE A 163 1.24 12.41 3.77
C ILE A 163 2.31 11.41 3.41
N MET A 164 2.39 10.35 4.19
CA MET A 164 3.54 9.43 4.15
C MET A 164 3.52 8.40 3.04
N GLU A 165 2.34 7.99 2.60
CA GLU A 165 2.22 6.97 1.57
C GLU A 165 3.12 7.18 0.34
N PRO A 166 3.05 8.37 -0.32
CA PRO A 166 3.89 8.61 -1.52
C PRO A 166 5.40 8.44 -1.30
N LYS A 167 5.87 8.66 -0.08
CA LYS A 167 7.27 8.48 0.27
C LYS A 167 7.63 7.01 0.32
N PHE A 168 6.69 6.20 0.79
CA PHE A 168 6.88 4.76 0.78
C PHE A 168 6.98 4.25 -0.66
N ASP A 169 6.13 4.78 -1.54
CA ASP A 169 6.18 4.39 -2.94
C ASP A 169 7.59 4.64 -3.40
N PHE A 170 8.03 5.89 -3.24
CA PHE A 170 9.38 6.27 -3.62
C PHE A 170 10.46 5.33 -3.06
N ALA A 171 10.40 5.05 -1.76
CA ALA A 171 11.44 4.27 -1.09
C ALA A 171 11.57 2.85 -1.61
N MET A 172 10.43 2.23 -1.89
CA MET A 172 10.40 0.84 -2.36
C MET A 172 11.14 0.80 -3.67
N LYS A 173 10.79 1.72 -4.56
CA LYS A 173 11.47 1.87 -5.84
C LYS A 173 12.97 2.18 -5.62
N PHE A 174 13.24 3.09 -4.71
CA PHE A 174 14.61 3.48 -4.42
C PHE A 174 15.47 2.34 -3.85
N ASN A 175 14.96 1.66 -2.84
CA ASN A 175 15.72 0.59 -2.20
C ASN A 175 15.91 -0.61 -3.14
N ALA A 176 15.06 -0.67 -4.18
CA ALA A 176 15.24 -1.64 -5.27
C ALA A 176 16.58 -1.45 -5.99
N LEU A 177 17.06 -0.20 -6.05
CA LEU A 177 18.40 0.10 -6.55
C LEU A 177 19.46 -0.47 -5.60
N GLU A 178 19.08 -0.71 -4.35
CA GLU A 178 19.94 -1.36 -3.36
C GLU A 178 21.25 -0.61 -3.26
N LEU A 179 21.14 0.69 -3.06
CA LEU A 179 22.29 1.56 -2.90
C LEU A 179 22.86 1.37 -1.52
N ASP A 180 24.11 1.79 -1.34
CA ASP A 180 24.71 1.80 -0.01
C ASP A 180 25.21 3.19 0.43
N ASP A 181 25.51 3.30 1.72
CA ASP A 181 25.85 4.58 2.30
C ASP A 181 26.92 5.34 1.53
N SER A 182 27.88 4.62 0.95
CA SER A 182 28.86 5.28 0.07
C SER A 182 28.21 5.90 -1.19
N ASP A 183 27.28 5.18 -1.82
CA ASP A 183 26.53 5.75 -2.93
C ASP A 183 25.66 6.91 -2.46
N ILE A 184 24.99 6.73 -1.32
CA ILE A 184 24.02 7.71 -0.83
C ILE A 184 24.70 9.01 -0.38
N SER A 185 25.90 8.91 0.18
CA SER A 185 26.66 10.12 0.47
C SER A 185 26.75 10.98 -0.79
N LEU A 186 27.33 10.42 -1.85
CA LEU A 186 27.64 11.20 -3.06
C LEU A 186 26.36 11.68 -3.68
N PHE A 187 25.36 10.79 -3.73
CA PHE A 187 24.06 11.12 -4.27
C PHE A 187 23.43 12.31 -3.57
N VAL A 188 23.38 12.27 -2.25
CA VAL A 188 22.86 13.37 -1.46
C VAL A 188 23.64 14.64 -1.75
N ALA A 189 24.97 14.51 -1.85
CA ALA A 189 25.81 15.68 -2.13
C ALA A 189 25.51 16.29 -3.50
N ALA A 190 25.14 15.44 -4.46
CA ALA A 190 24.77 15.92 -5.79
C ALA A 190 23.46 16.67 -5.78
N ILE A 191 22.61 16.36 -4.79
CA ILE A 191 21.30 16.96 -4.61
C ILE A 191 21.46 18.36 -4.06
N ILE A 192 22.23 18.48 -2.96
CA ILE A 192 22.51 19.79 -2.40
C ILE A 192 23.22 20.69 -3.42
N CYS A 193 24.29 20.18 -4.04
CA CYS A 193 25.16 20.99 -4.91
C CYS A 193 24.58 21.12 -6.31
N CYS A 194 23.44 21.81 -6.42
CA CYS A 194 22.65 21.77 -7.63
C CYS A 194 22.49 23.17 -8.20
N GLY A 195 22.77 23.31 -9.50
CA GLY A 195 22.79 24.60 -10.20
C GLY A 195 21.46 25.05 -10.78
N ASP A 196 20.42 24.24 -10.58
CA ASP A 196 19.07 24.58 -11.03
C ASP A 196 18.45 25.56 -10.08
N ARG A 197 18.71 25.35 -8.79
CA ARG A 197 18.12 26.11 -7.67
C ARG A 197 18.02 27.61 -7.99
N PRO A 198 16.78 28.13 -8.08
CA PRO A 198 16.54 29.55 -8.40
C PRO A 198 17.37 30.51 -7.54
N GLY A 199 17.70 31.67 -8.09
CA GLY A 199 18.35 32.73 -7.32
C GLY A 199 19.80 32.53 -6.93
N LEU A 200 20.47 31.54 -7.54
CA LEU A 200 21.89 31.32 -7.23
C LEU A 200 22.73 32.49 -7.74
N LEU A 201 23.83 32.78 -7.08
CA LEU A 201 24.63 33.91 -7.51
C LEU A 201 25.77 33.50 -8.43
N ASN A 202 26.62 32.60 -7.96
CA ASN A 202 27.68 32.05 -8.80
C ASN A 202 27.28 30.74 -9.50
N VAL A 203 26.32 30.88 -10.42
CA VAL A 203 25.73 29.76 -11.16
C VAL A 203 26.75 28.90 -11.88
N GLY A 204 27.77 29.53 -12.43
CA GLY A 204 28.76 28.83 -13.25
C GLY A 204 29.65 27.89 -12.46
N HIS A 205 29.93 28.27 -11.21
CA HIS A 205 30.86 27.52 -10.39
C HIS A 205 30.14 26.40 -9.63
N ILE A 206 28.92 26.66 -9.20
CA ILE A 206 28.06 25.63 -8.64
C ILE A 206 27.90 24.50 -9.66
N GLU A 207 27.75 24.86 -10.94
CA GLU A 207 27.66 23.90 -12.01
C GLU A 207 28.94 23.09 -12.21
N LYS A 208 30.08 23.78 -12.22
CA LYS A 208 31.39 23.12 -12.34
C LYS A 208 31.61 22.21 -11.14
N MET A 209 31.12 22.66 -10.00
CA MET A 209 31.19 21.92 -8.75
C MET A 209 30.21 20.74 -8.75
N GLN A 210 29.08 20.89 -9.44
CA GLN A 210 28.11 19.82 -9.56
C GLN A 210 28.66 18.76 -10.50
N GLU A 211 29.04 19.18 -11.70
CA GLU A 211 29.59 18.30 -12.72
C GLU A 211 30.76 17.47 -12.18
N GLY A 212 31.37 17.96 -11.10
CA GLY A 212 32.46 17.26 -10.41
C GLY A 212 32.01 16.16 -9.45
N ILE A 213 30.96 16.43 -8.67
CA ILE A 213 30.38 15.45 -7.75
C ILE A 213 29.60 14.37 -8.52
N VAL A 214 28.90 14.80 -9.56
CA VAL A 214 28.30 13.93 -10.57
C VAL A 214 29.30 12.92 -11.20
N HIS A 215 30.52 13.38 -11.50
CA HIS A 215 31.54 12.52 -12.12
C HIS A 215 31.98 11.39 -11.18
N VAL A 216 32.29 11.73 -9.93
CA VAL A 216 32.71 10.76 -8.95
C VAL A 216 31.56 9.79 -8.62
N LEU A 217 30.35 10.33 -8.53
CA LEU A 217 29.17 9.48 -8.34
C LEU A 217 29.02 8.46 -9.47
N ARG A 218 29.18 8.91 -10.72
CA ARG A 218 29.09 8.03 -11.90
C ARG A 218 30.11 6.88 -11.82
N LEU A 219 31.37 7.24 -11.59
CA LEU A 219 32.44 6.24 -11.53
C LEU A 219 32.36 5.36 -10.30
N HIS A 220 31.87 5.91 -9.18
CA HIS A 220 31.74 5.11 -7.96
C HIS A 220 30.74 3.99 -8.15
N LEU A 221 29.60 4.34 -8.75
CA LEU A 221 28.52 3.38 -8.99
C LEU A 221 28.97 2.30 -9.97
N GLN A 222 29.93 2.63 -10.82
CA GLN A 222 30.46 1.67 -11.77
C GLN A 222 31.46 0.70 -11.13
N SER A 223 32.13 1.14 -10.06
CA SER A 223 32.97 0.25 -9.26
C SER A 223 32.10 -0.60 -8.33
N ASN A 224 31.08 0.01 -7.74
CA ASN A 224 30.28 -0.62 -6.70
C ASN A 224 29.14 -1.46 -7.27
N HIS A 225 28.61 -1.04 -8.41
CA HIS A 225 27.54 -1.78 -9.07
C HIS A 225 27.85 -2.07 -10.54
N PRO A 226 28.88 -2.88 -10.80
CA PRO A 226 29.21 -3.23 -12.17
C PRO A 226 28.07 -4.01 -12.79
N ASP A 227 27.32 -4.69 -11.94
CA ASP A 227 26.19 -5.54 -12.34
C ASP A 227 25.03 -4.75 -12.96
N ASP A 228 25.06 -3.43 -12.80
CA ASP A 228 24.13 -2.55 -13.49
C ASP A 228 24.83 -1.25 -13.86
N ILE A 229 25.28 -1.18 -15.11
CA ILE A 229 26.09 -0.07 -15.58
C ILE A 229 25.22 1.17 -15.83
N PHE A 230 23.90 0.98 -15.79
CA PHE A 230 22.96 2.06 -16.01
C PHE A 230 22.31 2.61 -14.72
N LEU A 231 22.87 2.21 -13.57
CA LEU A 231 22.41 2.68 -12.27
C LEU A 231 22.41 4.21 -12.15
N PHE A 232 23.51 4.85 -12.58
CA PHE A 232 23.65 6.31 -12.55
C PHE A 232 22.54 7.02 -13.32
N PRO A 233 22.31 6.62 -14.60
CA PRO A 233 21.16 7.14 -15.32
C PRO A 233 19.89 7.04 -14.49
N LYS A 234 19.68 5.92 -13.82
CA LYS A 234 18.47 5.71 -13.02
C LYS A 234 18.37 6.61 -11.80
N LEU A 235 19.52 7.02 -11.27
CA LEU A 235 19.55 7.90 -10.11
C LEU A 235 19.22 9.31 -10.51
N LEU A 236 19.58 9.65 -11.74
CA LEU A 236 19.18 10.93 -12.29
C LEU A 236 17.66 11.02 -12.47
N GLN A 237 16.98 9.88 -12.70
CA GLN A 237 15.51 9.85 -12.75
C GLN A 237 14.91 10.00 -11.35
N LYS A 238 15.52 9.32 -10.38
CA LYS A 238 15.07 9.38 -8.97
C LYS A 238 15.21 10.81 -8.45
N MET A 239 16.27 11.47 -8.89
CA MET A 239 16.48 12.88 -8.63
C MET A 239 15.30 13.70 -9.16
N ALA A 240 14.85 13.34 -10.36
CA ALA A 240 13.66 13.95 -10.93
C ALA A 240 12.47 13.60 -10.07
N ASP A 241 12.21 12.32 -9.83
CA ASP A 241 11.04 11.93 -9.04
C ASP A 241 10.99 12.58 -7.67
N LEU A 242 12.16 12.94 -7.12
CA LEU A 242 12.26 13.59 -5.81
C LEU A 242 11.79 15.03 -5.84
N ARG A 243 12.14 15.75 -6.91
CA ARG A 243 11.71 17.14 -7.04
C ARG A 243 10.18 17.28 -7.10
N GLN A 244 9.54 16.38 -7.86
CA GLN A 244 8.08 16.26 -7.91
C GLN A 244 7.50 15.88 -6.55
N LEU A 245 8.08 14.85 -5.93
CA LEU A 245 7.70 14.39 -4.59
C LEU A 245 7.69 15.52 -3.56
N VAL A 246 8.70 16.39 -3.64
CA VAL A 246 8.80 17.58 -2.79
C VAL A 246 7.75 18.66 -3.13
N THR A 247 7.58 18.99 -4.42
CA THR A 247 6.49 19.89 -4.86
C THR A 247 5.13 19.37 -4.31
N GLU A 248 4.82 18.10 -4.61
CA GLU A 248 3.69 17.38 -4.01
C GLU A 248 3.64 17.55 -2.50
N HIS A 249 4.79 17.45 -1.83
CA HIS A 249 4.85 17.53 -0.38
C HIS A 249 4.61 18.95 0.12
N ALA A 250 5.16 19.92 -0.59
CA ALA A 250 4.95 21.33 -0.26
C ALA A 250 3.46 21.65 -0.12
N GLN A 251 2.63 21.07 -1.00
CA GLN A 251 1.22 21.43 -1.03
C GLN A 251 0.38 20.72 0.02
N LEU A 252 0.58 19.40 0.15
CA LEU A 252 -0.02 18.64 1.24
C LEU A 252 0.30 19.25 2.60
N VAL A 253 1.45 19.91 2.68
CA VAL A 253 1.83 20.62 3.88
C VAL A 253 1.09 21.96 3.97
N GLN A 254 1.04 22.71 2.87
CA GLN A 254 0.29 23.96 2.83
C GLN A 254 -1.16 23.70 3.29
N ILE A 255 -1.82 22.82 2.56
CA ILE A 255 -3.20 22.47 2.82
C ILE A 255 -3.44 22.14 4.31
N ILE A 256 -2.68 21.21 4.84
CA ILE A 256 -2.88 20.80 6.23
C ILE A 256 -2.70 21.97 7.20
N LYS A 257 -1.82 22.90 6.86
CA LYS A 257 -1.63 24.09 7.69
C LYS A 257 -2.83 25.05 7.58
N LYS A 258 -3.34 25.24 6.36
CA LYS A 258 -4.44 26.19 6.11
C LYS A 258 -5.85 25.61 6.34
N THR A 259 -5.94 24.31 6.63
CA THR A 259 -7.20 23.76 7.09
C THR A 259 -7.03 23.37 8.56
N GLU A 260 -6.50 22.16 8.80
CA GLU A 260 -6.50 21.50 10.12
C GLU A 260 -6.12 22.41 11.29
N SER A 261 -7.07 22.56 12.23
CA SER A 261 -7.06 23.65 13.21
C SER A 261 -5.95 23.56 14.25
N ASP A 262 -5.49 22.35 14.51
CA ASP A 262 -4.45 22.10 15.48
C ASP A 262 -3.09 21.79 14.80
N ALA A 263 -2.99 22.13 13.50
CA ALA A 263 -1.79 21.87 12.69
C ALA A 263 -0.74 22.98 12.83
N ALA A 264 0.39 22.62 13.43
CA ALA A 264 1.44 23.56 13.83
C ALA A 264 2.70 23.38 12.99
N LEU A 265 2.96 24.33 12.10
CA LEU A 265 4.17 24.27 11.28
C LEU A 265 5.35 25.01 11.89
N HIS A 266 6.32 24.25 12.38
CA HIS A 266 7.61 24.75 12.87
C HIS A 266 8.13 25.91 12.01
N PRO A 267 8.56 26.99 12.67
CA PRO A 267 8.99 28.22 12.00
C PRO A 267 10.21 28.06 11.07
N LEU A 268 11.09 27.12 11.37
CA LEU A 268 12.23 26.84 10.49
C LEU A 268 11.76 26.23 9.17
N LEU A 269 10.97 25.17 9.27
CA LEU A 269 10.37 24.54 8.10
C LEU A 269 9.48 25.49 7.31
N GLN A 270 8.77 26.38 8.01
CA GLN A 270 7.99 27.45 7.38
C GLN A 270 8.85 28.27 6.44
N GLU A 271 10.00 28.69 6.95
CA GLU A 271 10.94 29.52 6.19
C GLU A 271 11.46 28.78 4.96
N ILE A 272 11.79 27.51 5.13
CA ILE A 272 12.22 26.69 4.01
C ILE A 272 11.17 26.71 2.92
N TYR A 273 9.90 26.61 3.31
CA TYR A 273 8.81 26.64 2.34
C TYR A 273 8.56 28.02 1.76
N ARG A 274 8.88 29.06 2.52
CA ARG A 274 8.63 30.43 2.03
C ARG A 274 9.20 30.54 0.63
N ASP A 275 8.32 30.90 -0.31
CA ASP A 275 8.68 31.06 -1.71
C ASP A 275 9.25 29.75 -2.27
N MET A 276 8.50 28.65 -2.12
CA MET A 276 8.93 27.35 -2.63
C MET A 276 8.88 27.27 -4.15
N TYR A 277 9.79 27.79 -4.82
N SER B 2 -35.60 -21.82 33.58
CA SER B 2 -35.56 -20.97 32.35
C SER B 2 -36.06 -21.72 31.12
N HIS B 3 -35.19 -21.87 30.10
CA HIS B 3 -35.54 -22.46 28.79
C HIS B 3 -34.32 -22.96 27.98
N MET B 4 -34.39 -24.20 27.48
CA MET B 4 -33.39 -24.68 26.52
C MET B 4 -33.64 -23.99 25.16
N GLU B 5 -32.96 -24.44 24.10
CA GLU B 5 -33.13 -23.79 22.79
C GLU B 5 -34.48 -24.09 22.13
N ASP B 6 -35.25 -23.03 21.89
CA ASP B 6 -36.53 -23.11 21.17
C ASP B 6 -36.27 -23.32 19.66
N SER B 7 -37.33 -23.69 18.93
CA SER B 7 -37.23 -23.96 17.49
C SER B 7 -37.55 -22.76 16.57
N GLU B 8 -37.83 -21.61 17.18
CA GLU B 8 -37.86 -20.35 16.43
C GLU B 8 -36.41 -19.92 16.17
N THR B 9 -35.51 -20.35 17.05
CA THR B 9 -34.06 -20.07 16.93
C THR B 9 -33.23 -21.31 16.55
N ALA B 10 -33.86 -22.48 16.51
CA ALA B 10 -33.25 -23.68 15.94
C ALA B 10 -33.40 -23.63 14.43
N ASP B 11 -34.45 -22.93 13.98
CA ASP B 11 -34.64 -22.57 12.58
C ASP B 11 -33.49 -21.69 12.08
N LEU B 12 -33.02 -20.82 12.98
CA LEU B 12 -31.96 -19.86 12.67
C LEU B 12 -30.59 -20.53 12.61
N LYS B 13 -30.26 -21.33 13.62
CA LYS B 13 -29.00 -22.10 13.57
C LYS B 13 -29.04 -23.14 12.45
N SER B 14 -30.24 -23.46 12.00
CA SER B 14 -30.41 -24.31 10.82
C SER B 14 -30.03 -23.54 9.57
N LEU B 15 -30.52 -22.31 9.45
CA LEU B 15 -30.24 -21.44 8.31
C LEU B 15 -28.74 -21.16 8.21
N ALA B 16 -28.15 -20.70 9.32
CA ALA B 16 -26.73 -20.42 9.42
C ALA B 16 -25.89 -21.67 9.21
N LYS B 17 -26.55 -22.81 9.34
CA LYS B 17 -25.92 -24.11 9.15
C LYS B 17 -26.05 -24.56 7.69
N ARG B 18 -27.26 -24.48 7.14
CA ARG B 18 -27.51 -24.80 5.73
C ARG B 18 -26.71 -23.90 4.76
N ILE B 19 -26.56 -22.63 5.13
CA ILE B 19 -25.79 -21.66 4.35
C ILE B 19 -24.30 -21.96 4.41
N TYR B 20 -23.78 -22.20 5.62
CA TYR B 20 -22.34 -22.42 5.82
C TYR B 20 -21.80 -23.62 5.04
N GLU B 21 -22.58 -24.69 4.97
CA GLU B 21 -22.23 -25.90 4.22
C GLU B 21 -22.28 -25.65 2.73
N ALA B 22 -23.33 -24.96 2.29
CA ALA B 22 -23.47 -24.55 0.89
C ALA B 22 -22.26 -23.75 0.45
N TYR B 23 -21.73 -22.95 1.39
CA TYR B 23 -20.55 -22.13 1.15
C TYR B 23 -19.32 -23.02 1.04
N LEU B 24 -19.19 -24.00 1.94
CA LEU B 24 -18.08 -24.95 1.88
C LEU B 24 -18.16 -25.85 0.65
N LYS B 25 -19.38 -26.29 0.29
CA LYS B 25 -19.62 -27.08 -0.92
C LYS B 25 -19.23 -26.33 -2.21
N ASN B 26 -19.63 -25.07 -2.34
CA ASN B 26 -19.48 -24.37 -3.62
C ASN B 26 -18.28 -23.46 -3.82
N PHE B 27 -17.45 -23.26 -2.80
CA PHE B 27 -16.24 -22.44 -2.97
C PHE B 27 -14.96 -23.21 -2.77
N ASN B 28 -14.18 -23.30 -3.84
CA ASN B 28 -12.94 -24.06 -3.83
C ASN B 28 -11.96 -23.47 -2.82
N MET B 29 -11.88 -22.15 -2.79
CA MET B 29 -11.03 -21.43 -1.86
C MET B 29 -11.83 -20.82 -0.70
N ASN B 30 -11.28 -20.93 0.52
CA ASN B 30 -11.85 -20.29 1.72
C ASN B 30 -10.77 -19.80 2.68
N LYS B 31 -11.17 -18.96 3.65
CA LYS B 31 -10.23 -18.35 4.59
C LYS B 31 -9.38 -19.35 5.40
N VAL B 32 -9.96 -20.48 5.80
CA VAL B 32 -9.16 -21.49 6.47
C VAL B 32 -8.07 -22.07 5.56
N LYS B 33 -8.44 -22.46 4.32
CA LYS B 33 -7.47 -22.94 3.32
C LYS B 33 -6.39 -21.88 3.07
N ALA B 34 -6.84 -20.66 2.79
CA ALA B 34 -5.96 -19.57 2.38
C ALA B 34 -4.83 -19.24 3.37
N ARG B 35 -5.14 -19.27 4.66
CA ARG B 35 -4.14 -18.92 5.69
C ARG B 35 -3.10 -20.03 5.89
N VAL B 36 -3.57 -21.28 5.90
CA VAL B 36 -2.70 -22.46 5.91
C VAL B 36 -1.68 -22.38 4.76
N ILE B 37 -2.18 -22.06 3.57
CA ILE B 37 -1.36 -21.91 2.38
C ILE B 37 -0.36 -20.76 2.52
N LEU B 38 -0.73 -19.70 3.23
CA LEU B 38 0.11 -18.51 3.32
C LEU B 38 1.15 -18.59 4.43
N SER B 39 0.83 -19.31 5.50
CA SER B 39 1.78 -19.49 6.59
C SER B 39 2.93 -20.44 6.20
N GLY B 40 2.71 -21.26 5.17
CA GLY B 40 3.64 -22.32 4.76
C GLY B 40 3.62 -23.48 5.76
N LYS B 41 2.46 -23.69 6.39
CA LYS B 41 2.27 -24.76 7.37
C LYS B 41 1.27 -25.80 6.83
N ALA B 42 1.37 -26.08 5.53
CA ALA B 42 0.42 -26.92 4.80
C ALA B 42 0.96 -28.30 4.41
N ASN B 44 2.89 -30.39 -0.21
CA ASN B 44 3.44 -29.37 0.69
C ASN B 44 4.52 -28.49 0.03
N ASN B 45 4.57 -28.51 -1.30
CA ASN B 45 5.37 -27.54 -2.02
C ASN B 45 4.53 -26.27 -2.13
N PRO B 46 4.89 -25.26 -1.32
CA PRO B 46 4.12 -24.03 -1.11
C PRO B 46 3.85 -23.22 -2.41
N PRO B 47 3.10 -22.10 -2.30
CA PRO B 47 2.89 -21.14 -3.39
C PRO B 47 4.13 -20.82 -4.23
N PHE B 48 3.92 -20.12 -5.33
CA PHE B 48 5.02 -19.63 -6.14
C PHE B 48 4.93 -18.12 -6.29
N VAL B 49 5.89 -17.43 -5.69
CA VAL B 49 5.93 -15.97 -5.69
C VAL B 49 6.16 -15.43 -7.09
N ILE B 50 5.26 -14.55 -7.51
CA ILE B 50 5.44 -13.70 -8.69
C ILE B 50 5.79 -12.32 -8.15
N HIS B 51 6.89 -11.73 -8.65
CA HIS B 51 7.30 -10.38 -8.22
C HIS B 51 8.03 -9.57 -9.29
N ASP B 52 8.13 -10.13 -10.51
CA ASP B 52 8.78 -9.48 -11.66
C ASP B 52 8.34 -10.14 -12.97
N MET B 53 8.91 -9.67 -14.08
CA MET B 53 8.60 -10.18 -15.42
C MET B 53 8.95 -11.65 -15.59
N GLU B 54 10.09 -12.05 -15.02
CA GLU B 54 10.64 -13.41 -15.14
C GLU B 54 9.69 -14.43 -14.52
N THR B 55 9.33 -14.18 -13.27
CA THR B 55 8.46 -15.04 -12.49
C THR B 55 7.00 -14.98 -12.95
N LEU B 56 6.64 -13.87 -13.61
CA LEU B 56 5.35 -13.77 -14.29
C LEU B 56 5.32 -14.74 -15.46
N CYS B 57 6.33 -14.62 -16.33
CA CYS B 57 6.42 -15.42 -17.54
C CYS B 57 6.73 -16.87 -17.23
N MET B 58 7.63 -17.12 -16.29
CA MET B 58 7.96 -18.48 -15.86
C MET B 58 6.82 -19.11 -15.06
N ALA B 59 5.86 -18.28 -14.66
CA ALA B 59 4.66 -18.74 -13.96
C ALA B 59 3.65 -19.32 -14.95
N GLU B 60 3.19 -18.46 -15.87
CA GLU B 60 2.27 -18.84 -16.94
C GLU B 60 2.66 -20.15 -17.64
N LYS B 61 3.95 -20.46 -17.60
CA LYS B 61 4.46 -21.73 -18.10
C LYS B 61 3.99 -22.91 -17.24
N THR B 62 4.25 -22.83 -15.93
CA THR B 62 3.98 -23.96 -15.02
C THR B 62 2.73 -23.79 -14.14
N LEU B 63 1.89 -22.79 -14.44
CA LEU B 63 0.70 -22.48 -13.62
C LEU B 63 -0.67 -22.45 -14.35
N VAL B 64 -0.79 -21.67 -15.42
CA VAL B 64 -2.05 -21.60 -16.19
C VAL B 64 -2.19 -22.78 -17.19
N VAL B 68 0.86 -22.82 -20.25
CA VAL B 68 1.24 -21.93 -21.35
C VAL B 68 0.01 -21.34 -22.05
N ALA B 69 0.04 -20.03 -22.30
CA ALA B 69 -1.06 -19.32 -22.94
C ALA B 69 -1.21 -19.69 -24.42
N ASN B 70 -2.44 -20.06 -24.80
CA ASN B 70 -2.75 -20.46 -26.18
C ASN B 70 -3.03 -19.27 -27.11
N GLY B 71 -3.85 -18.33 -26.65
CA GLY B 71 -4.15 -17.11 -27.39
C GLY B 71 -3.88 -15.83 -26.60
N ILE B 72 -2.67 -15.76 -26.04
CA ILE B 72 -2.23 -14.61 -25.22
C ILE B 72 -0.70 -14.55 -25.10
N GLN B 73 -0.04 -15.62 -25.55
CA GLN B 73 1.40 -15.83 -25.36
C GLN B 73 2.29 -14.60 -25.66
N ASN B 74 1.84 -13.76 -26.61
CA ASN B 74 2.67 -12.69 -27.15
C ASN B 74 2.19 -11.27 -26.87
N LYS B 75 1.20 -11.14 -25.99
CA LYS B 75 0.67 -9.83 -25.63
C LYS B 75 1.65 -9.09 -24.72
N GLU B 76 1.28 -7.89 -24.27
CA GLU B 76 2.05 -7.12 -23.29
C GLU B 76 2.13 -7.90 -21.96
N ALA B 77 2.55 -7.25 -20.88
CA ALA B 77 2.62 -7.91 -19.56
C ALA B 77 1.45 -7.55 -18.62
N GLU B 78 0.94 -6.33 -18.77
CA GLU B 78 -0.19 -5.82 -17.99
C GLU B 78 -1.50 -6.43 -18.43
N VAL B 79 -1.66 -6.57 -19.75
CA VAL B 79 -2.89 -7.10 -20.33
C VAL B 79 -3.05 -8.59 -20.01
N ARG B 80 -1.94 -9.28 -19.78
CA ARG B 80 -1.99 -10.68 -19.32
C ARG B 80 -2.70 -10.79 -17.97
N ILE B 81 -2.23 -10.03 -16.98
CA ILE B 81 -2.84 -9.98 -15.65
C ILE B 81 -4.33 -9.65 -15.78
N PHE B 82 -4.62 -8.54 -16.46
CA PHE B 82 -5.99 -8.13 -16.74
C PHE B 82 -6.88 -9.30 -17.16
N HIS B 83 -6.46 -10.00 -18.20
CA HIS B 83 -7.20 -11.15 -18.72
C HIS B 83 -7.19 -12.27 -17.69
N CYS B 84 -6.02 -12.56 -17.12
CA CYS B 84 -5.88 -13.56 -16.07
C CYS B 84 -6.88 -13.37 -14.93
N CYS B 85 -7.03 -12.11 -14.50
CA CYS B 85 -7.99 -11.73 -13.47
C CYS B 85 -9.41 -12.18 -13.81
N GLN B 86 -9.76 -12.07 -15.09
CA GLN B 86 -11.12 -12.36 -15.54
C GLN B 86 -11.46 -13.86 -15.46
N CYS B 87 -10.51 -14.72 -15.81
CA CYS B 87 -10.66 -16.16 -15.66
C CYS B 87 -11.11 -16.52 -14.26
N THR B 88 -10.57 -15.79 -13.30
CA THR B 88 -10.76 -16.11 -11.89
C THR B 88 -12.13 -15.63 -11.44
N SER B 89 -12.51 -14.43 -11.86
CA SER B 89 -13.80 -13.86 -11.47
C SER B 89 -14.97 -14.55 -12.16
N VAL B 90 -14.80 -14.92 -13.43
CA VAL B 90 -15.78 -15.74 -14.16
C VAL B 90 -15.97 -17.09 -13.47
N GLU B 91 -14.87 -17.70 -13.05
CA GLU B 91 -14.94 -18.92 -12.25
C GLU B 91 -15.59 -18.69 -10.88
N THR B 92 -15.50 -17.47 -10.36
CA THR B 92 -16.06 -17.18 -9.06
C THR B 92 -17.57 -16.92 -9.16
N VAL B 93 -17.98 -16.19 -10.20
CA VAL B 93 -19.41 -15.93 -10.45
C VAL B 93 -20.17 -17.24 -10.52
N THR B 94 -19.55 -18.22 -11.17
CA THR B 94 -20.15 -19.54 -11.31
C THR B 94 -20.31 -20.14 -9.94
N GLU B 95 -19.25 -20.07 -9.15
CA GLU B 95 -19.29 -20.63 -7.81
C GLU B 95 -20.29 -19.86 -6.96
N LEU B 96 -20.43 -18.57 -7.24
CA LEU B 96 -21.37 -17.73 -6.52
C LEU B 96 -22.80 -18.06 -6.88
N THR B 97 -23.02 -18.42 -8.12
CA THR B 97 -24.37 -18.72 -8.58
C THR B 97 -24.84 -20.02 -7.98
N GLU B 98 -23.98 -21.04 -7.99
CA GLU B 98 -24.29 -22.33 -7.37
C GLU B 98 -24.62 -22.16 -5.89
N PHE B 99 -23.78 -21.39 -5.20
CA PHE B 99 -23.99 -21.05 -3.81
C PHE B 99 -25.32 -20.33 -3.60
N ALA B 100 -25.67 -19.39 -4.49
CA ALA B 100 -26.95 -18.68 -4.45
C ALA B 100 -28.14 -19.61 -4.63
N LYS B 101 -28.02 -20.59 -5.53
CA LYS B 101 -29.08 -21.59 -5.69
C LYS B 101 -29.31 -22.37 -4.40
N ALA B 102 -28.28 -22.48 -3.57
CA ALA B 102 -28.37 -23.25 -2.33
C ALA B 102 -28.87 -22.44 -1.10
N ILE B 103 -29.10 -21.14 -1.25
CA ILE B 103 -29.66 -20.36 -0.16
C ILE B 103 -31.14 -20.67 -0.06
N PRO B 104 -31.61 -21.07 1.15
CA PRO B 104 -33.02 -21.32 1.34
C PRO B 104 -33.81 -20.09 0.93
N GLY B 105 -34.76 -20.31 0.01
CA GLY B 105 -35.66 -19.26 -0.44
C GLY B 105 -35.29 -18.71 -1.80
N PHE B 106 -34.01 -18.84 -2.17
CA PHE B 106 -33.49 -18.19 -3.36
C PHE B 106 -34.00 -18.81 -4.64
N ALA B 107 -34.05 -20.14 -4.69
CA ALA B 107 -34.66 -20.85 -5.81
C ALA B 107 -36.15 -20.48 -5.99
N ASN B 108 -36.82 -20.20 -4.88
CA ASN B 108 -38.26 -19.88 -4.86
C ASN B 108 -38.60 -18.55 -5.52
N LEU B 109 -37.58 -17.77 -5.85
CA LEU B 109 -37.80 -16.43 -6.39
C LEU B 109 -38.00 -16.43 -7.89
N ASP B 110 -38.76 -15.44 -8.37
CA ASP B 110 -38.94 -15.20 -9.81
C ASP B 110 -37.61 -15.39 -10.52
N LEU B 111 -37.66 -16.06 -11.66
CA LEU B 111 -36.46 -16.39 -12.42
C LEU B 111 -35.62 -15.15 -12.76
N ASN B 112 -36.28 -14.04 -13.11
CA ASN B 112 -35.60 -12.78 -13.37
C ASN B 112 -34.96 -12.20 -12.12
N ASP B 113 -35.67 -12.32 -11.00
CA ASP B 113 -35.15 -11.89 -9.70
C ASP B 113 -33.88 -12.65 -9.30
N GLN B 114 -33.83 -13.94 -9.61
CA GLN B 114 -32.63 -14.74 -9.33
C GLN B 114 -31.40 -14.15 -10.01
N VAL B 115 -31.56 -13.63 -11.25
CA VAL B 115 -30.42 -13.07 -11.99
C VAL B 115 -30.13 -11.57 -11.72
N THR B 116 -31.13 -10.83 -11.23
CA THR B 116 -30.93 -9.42 -10.87
C THR B 116 -30.16 -9.32 -9.55
N LEU B 117 -30.53 -10.16 -8.59
CA LEU B 117 -29.83 -10.17 -7.29
C LEU B 117 -28.38 -10.57 -7.52
N LEU B 118 -28.19 -11.49 -8.46
CA LEU B 118 -26.88 -11.97 -8.84
C LEU B 118 -26.04 -10.95 -9.60
N LYS B 119 -26.67 -10.26 -10.54
CA LYS B 119 -26.02 -9.19 -11.31
C LYS B 119 -25.34 -8.17 -10.40
N TYR B 120 -26.08 -7.67 -9.41
CA TYR B 120 -25.59 -6.61 -8.53
C TYR B 120 -24.81 -7.11 -7.32
N GLY B 121 -25.02 -8.36 -6.95
CA GLY B 121 -24.31 -8.93 -5.83
C GLY B 121 -22.91 -9.46 -6.09
N VAL B 122 -22.67 -10.00 -7.29
CA VAL B 122 -21.48 -10.83 -7.51
C VAL B 122 -20.15 -10.14 -7.23
N TYR B 123 -19.99 -8.90 -7.68
CA TYR B 123 -18.74 -8.18 -7.42
C TYR B 123 -18.61 -7.73 -5.96
N GLU B 124 -19.72 -7.34 -5.35
CA GLU B 124 -19.67 -7.00 -3.95
C GLU B 124 -19.15 -8.22 -3.18
N ALA B 125 -19.57 -9.40 -3.61
CA ALA B 125 -19.24 -10.66 -2.94
C ALA B 125 -17.83 -11.15 -3.26
N ILE B 126 -17.43 -11.02 -4.52
CA ILE B 126 -16.07 -11.34 -4.95
C ILE B 126 -15.03 -10.58 -4.14
N PHE B 127 -15.17 -9.26 -4.04
CA PHE B 127 -14.19 -8.49 -3.28
C PHE B 127 -14.26 -8.78 -1.79
N ALA B 128 -15.47 -9.02 -1.29
CA ALA B 128 -15.62 -9.42 0.11
C ALA B 128 -14.83 -10.70 0.40
N MET B 129 -14.94 -11.68 -0.52
CA MET B 129 -14.29 -13.00 -0.36
C MET B 129 -12.83 -12.98 -0.71
N LEU B 130 -12.47 -12.13 -1.67
CA LEU B 130 -11.07 -11.88 -2.05
C LEU B 130 -10.17 -11.52 -0.87
N SER B 131 -10.76 -10.95 0.18
CA SER B 131 -10.01 -10.56 1.35
C SER B 131 -9.40 -11.77 2.02
N SER B 132 -10.11 -12.90 1.98
CA SER B 132 -9.60 -14.17 2.50
C SER B 132 -8.23 -14.58 1.91
N VAL B 133 -8.00 -14.26 0.63
CA VAL B 133 -6.79 -14.68 -0.08
C VAL B 133 -5.72 -13.60 -0.14
N MET B 134 -5.97 -12.49 0.57
CA MET B 134 -5.03 -11.39 0.61
C MET B 134 -4.40 -11.18 1.98
N ASN B 135 -3.12 -10.80 1.98
CA ASN B 135 -2.53 -10.10 3.12
C ASN B 135 -1.94 -8.77 2.65
N LYS B 136 -1.12 -8.12 3.49
CA LYS B 136 -0.58 -6.78 3.17
C LYS B 136 0.42 -6.77 2.03
N ASP B 137 0.91 -7.96 1.67
CA ASP B 137 2.00 -8.12 0.69
C ASP B 137 1.50 -8.53 -0.70
N GLY B 138 0.58 -9.49 -0.73
CA GLY B 138 -0.03 -9.92 -1.99
C GLY B 138 -1.25 -10.80 -1.80
N MET B 139 -1.62 -11.51 -2.86
CA MET B 139 -2.80 -12.37 -2.84
C MET B 139 -2.54 -13.76 -3.43
N LEU B 140 -3.22 -14.75 -2.90
CA LEU B 140 -3.18 -16.08 -3.50
C LEU B 140 -3.86 -16.04 -4.86
N VAL B 141 -3.23 -16.71 -5.82
CA VAL B 141 -3.79 -16.90 -7.16
C VAL B 141 -3.69 -18.38 -7.55
N ALA B 142 -4.10 -18.67 -8.79
CA ALA B 142 -4.11 -20.03 -9.33
C ALA B 142 -4.49 -21.08 -8.28
N TYR B 143 -5.74 -20.99 -7.80
CA TYR B 143 -6.32 -22.05 -6.97
C TYR B 143 -5.50 -22.27 -5.71
N GLY B 144 -4.67 -21.29 -5.37
CA GLY B 144 -3.89 -21.29 -4.14
C GLY B 144 -2.40 -21.45 -4.39
N ASN B 145 -2.06 -22.10 -5.51
CA ASN B 145 -0.68 -22.49 -5.80
C ASN B 145 0.24 -21.32 -6.20
N GLY B 146 -0.36 -20.17 -6.47
CA GLY B 146 0.39 -18.95 -6.82
C GLY B 146 0.28 -17.82 -5.79
N PHE B 147 1.10 -16.79 -5.96
CA PHE B 147 1.12 -15.63 -5.07
C PHE B 147 1.71 -14.44 -5.80
N ILE B 148 1.00 -13.32 -5.79
CA ILE B 148 1.41 -12.13 -6.54
C ILE B 148 1.51 -10.87 -5.64
N THR B 149 2.66 -10.21 -5.66
CA THR B 149 2.93 -9.09 -4.74
C THR B 149 2.11 -7.85 -5.08
N ARG B 150 1.52 -7.27 -4.05
CA ARG B 150 0.80 -6.01 -4.15
C ARG B 150 1.74 -4.97 -4.71
N GLU B 151 2.89 -4.87 -4.06
CA GLU B 151 4.07 -4.18 -4.58
C GLU B 151 4.14 -4.27 -6.11
N PHE B 152 4.30 -5.49 -6.64
CA PHE B 152 4.36 -5.72 -8.09
C PHE B 152 3.13 -5.16 -8.85
N LEU B 153 1.94 -5.32 -8.28
CA LEU B 153 0.73 -4.79 -8.90
C LEU B 153 0.70 -3.26 -8.92
N LYS B 154 1.36 -2.64 -7.93
CA LYS B 154 1.53 -1.19 -7.89
C LYS B 154 2.57 -0.77 -8.92
N SER B 155 3.59 -1.61 -9.09
CA SER B 155 4.70 -1.30 -9.99
C SER B 155 4.38 -1.57 -11.48
N LEU B 156 3.10 -1.54 -11.83
CA LEU B 156 2.67 -1.56 -13.23
C LEU B 156 2.28 -0.13 -13.54
N ARG B 157 1.87 0.15 -14.77
CA ARG B 157 1.61 1.53 -15.19
C ARG B 157 0.13 1.91 -15.04
N LYS B 158 -0.16 3.19 -15.26
CA LYS B 158 -1.55 3.65 -15.31
C LYS B 158 -2.29 3.09 -16.53
N PRO B 159 -3.59 2.82 -16.38
CA PRO B 159 -4.28 2.81 -15.10
C PRO B 159 -4.35 1.40 -14.51
N PHE B 160 -3.56 0.47 -15.05
CA PHE B 160 -3.55 -0.94 -14.63
C PHE B 160 -3.22 -1.19 -13.15
N CYS B 161 -2.38 -0.34 -12.58
CA CYS B 161 -1.95 -0.54 -11.19
C CYS B 161 -2.92 0.12 -10.21
N ASP B 162 -3.88 0.86 -10.76
CA ASP B 162 -4.95 1.46 -9.98
C ASP B 162 -6.12 0.49 -9.75
N ILE B 163 -6.07 -0.68 -10.36
CA ILE B 163 -7.13 -1.67 -10.28
C ILE B 163 -7.14 -2.35 -8.92
N MET B 164 -6.04 -3.02 -8.60
CA MET B 164 -6.00 -3.95 -7.48
C MET B 164 -5.73 -3.34 -6.11
N GLU B 165 -5.10 -2.16 -6.09
CA GLU B 165 -4.79 -1.48 -4.84
C GLU B 165 -6.06 -1.26 -3.99
N PRO B 166 -7.10 -0.57 -4.54
CA PRO B 166 -8.27 -0.24 -3.70
C PRO B 166 -8.88 -1.43 -2.98
N LYS B 167 -8.76 -2.63 -3.57
CA LYS B 167 -9.20 -3.88 -2.96
C LYS B 167 -8.26 -4.32 -1.85
N PHE B 168 -7.00 -3.93 -1.92
CA PHE B 168 -6.09 -4.21 -0.81
C PHE B 168 -6.45 -3.31 0.38
N ASP B 169 -6.80 -2.05 0.12
CA ASP B 169 -7.23 -1.15 1.18
C ASP B 169 -8.39 -1.77 1.89
N PHE B 170 -9.46 -2.06 1.14
CA PHE B 170 -10.61 -2.74 1.67
C PHE B 170 -10.26 -3.98 2.52
N ALA B 171 -9.48 -4.89 1.95
CA ALA B 171 -9.23 -6.19 2.55
C ALA B 171 -8.50 -6.11 3.89
N MET B 172 -7.57 -5.16 3.98
CA MET B 172 -6.76 -5.05 5.19
C MET B 172 -7.64 -4.62 6.36
N LYS B 173 -8.52 -3.66 6.11
CA LYS B 173 -9.53 -3.22 7.09
C LYS B 173 -10.53 -4.33 7.37
N PHE B 174 -10.91 -5.05 6.32
CA PHE B 174 -11.89 -6.10 6.42
C PHE B 174 -11.34 -7.30 7.16
N ASN B 175 -10.11 -7.68 6.88
CA ASN B 175 -9.52 -8.83 7.55
C ASN B 175 -9.29 -8.50 9.02
N ALA B 176 -9.16 -7.21 9.32
CA ALA B 176 -9.00 -6.77 10.71
C ALA B 176 -10.25 -7.07 11.56
N LEU B 177 -11.36 -7.34 10.91
CA LEU B 177 -12.57 -7.77 11.60
C LEU B 177 -12.45 -9.24 12.04
N GLU B 178 -11.38 -9.90 11.57
CA GLU B 178 -11.02 -11.28 11.98
C GLU B 178 -12.21 -12.22 11.87
N LEU B 179 -12.86 -12.17 10.73
CA LEU B 179 -14.03 -12.98 10.47
C LEU B 179 -13.60 -14.35 9.96
N ASP B 180 -14.47 -15.34 10.12
CA ASP B 180 -14.21 -16.66 9.59
C ASP B 180 -15.31 -17.13 8.66
N ASP B 181 -15.08 -18.28 8.04
CA ASP B 181 -15.96 -18.78 7.01
C ASP B 181 -17.42 -18.87 7.44
N SER B 182 -17.66 -19.24 8.70
CA SER B 182 -19.04 -19.22 9.22
C SER B 182 -19.68 -17.84 9.08
N ASP B 183 -18.92 -16.78 9.35
CA ASP B 183 -19.44 -15.41 9.23
C ASP B 183 -19.59 -15.00 7.78
N ILE B 184 -18.53 -15.22 7.00
CA ILE B 184 -18.49 -14.82 5.59
C ILE B 184 -19.62 -15.47 4.80
N SER B 185 -19.81 -16.76 5.02
CA SER B 185 -20.92 -17.47 4.39
C SER B 185 -22.21 -16.67 4.55
N LEU B 186 -22.53 -16.28 5.77
CA LEU B 186 -23.77 -15.54 6.05
C LEU B 186 -23.77 -14.14 5.43
N PHE B 187 -22.65 -13.45 5.60
CA PHE B 187 -22.44 -12.12 5.03
C PHE B 187 -22.60 -12.09 3.50
N VAL B 188 -22.02 -13.07 2.82
CA VAL B 188 -22.17 -13.13 1.39
C VAL B 188 -23.64 -13.30 1.02
N ALA B 189 -24.33 -14.21 1.72
CA ALA B 189 -25.76 -14.44 1.51
C ALA B 189 -26.57 -13.15 1.66
N ALA B 190 -26.24 -12.36 2.68
CA ALA B 190 -26.91 -11.08 2.86
C ALA B 190 -26.61 -10.11 1.73
N ILE B 191 -25.44 -10.26 1.11
CA ILE B 191 -25.07 -9.41 -0.03
C ILE B 191 -25.92 -9.76 -1.24
N ILE B 192 -25.97 -11.04 -1.56
CA ILE B 192 -26.77 -11.51 -2.69
C ILE B 192 -28.25 -11.18 -2.48
N CYS B 193 -28.73 -11.40 -1.27
CA CYS B 193 -30.16 -11.25 -0.97
C CYS B 193 -30.53 -9.82 -0.59
N CYS B 194 -30.36 -8.91 -1.53
CA CYS B 194 -30.51 -7.51 -1.20
C CYS B 194 -31.79 -6.94 -1.79
N GLY B 195 -32.67 -6.45 -0.92
CA GLY B 195 -33.93 -5.86 -1.34
C GLY B 195 -33.76 -4.49 -1.98
N ASP B 196 -32.50 -4.06 -2.11
CA ASP B 196 -32.17 -2.72 -2.58
C ASP B 196 -32.04 -2.64 -4.07
N ARG B 197 -31.60 -3.73 -4.68
CA ARG B 197 -31.19 -3.77 -6.09
C ARG B 197 -32.37 -3.43 -7.03
N PRO B 198 -32.13 -2.50 -7.98
CA PRO B 198 -33.11 -2.01 -8.96
C PRO B 198 -33.85 -3.12 -9.70
N GLY B 199 -34.93 -2.74 -10.41
CA GLY B 199 -35.71 -3.65 -11.23
C GLY B 199 -36.10 -4.99 -10.60
N LEU B 200 -36.29 -5.02 -9.29
CA LEU B 200 -36.73 -6.24 -8.61
C LEU B 200 -38.24 -6.44 -8.76
N LEU B 201 -38.68 -7.70 -8.85
CA LEU B 201 -40.07 -7.97 -9.19
C LEU B 201 -40.98 -8.35 -8.01
N ASN B 202 -40.41 -9.01 -7.00
CA ASN B 202 -41.12 -9.23 -5.74
C ASN B 202 -40.31 -8.65 -4.60
N VAL B 203 -40.25 -7.34 -4.56
CA VAL B 203 -39.38 -6.62 -3.65
C VAL B 203 -39.73 -6.86 -2.18
N GLY B 204 -41.00 -7.12 -1.90
CA GLY B 204 -41.48 -7.29 -0.53
C GLY B 204 -40.96 -8.56 0.11
N HIS B 205 -41.04 -9.66 -0.63
CA HIS B 205 -40.57 -10.95 -0.13
C HIS B 205 -39.06 -10.98 0.00
N ILE B 206 -38.37 -10.41 -0.99
CA ILE B 206 -36.91 -10.33 -0.94
C ILE B 206 -36.45 -9.46 0.23
N GLU B 207 -37.14 -8.34 0.48
CA GLU B 207 -36.94 -7.57 1.71
C GLU B 207 -37.03 -8.49 2.93
N LYS B 208 -38.13 -9.24 3.02
CA LYS B 208 -38.37 -10.15 4.13
C LYS B 208 -37.27 -11.19 4.25
N MET B 209 -36.75 -11.60 3.09
CA MET B 209 -35.76 -12.65 3.00
C MET B 209 -34.39 -12.18 3.51
N GLN B 210 -33.99 -10.98 3.10
CA GLN B 210 -32.78 -10.34 3.60
C GLN B 210 -32.87 -10.27 5.11
N GLU B 211 -34.00 -9.77 5.59
CA GLU B 211 -34.25 -9.52 7.00
C GLU B 211 -33.99 -10.76 7.85
N GLY B 212 -34.39 -11.93 7.35
CA GLY B 212 -34.14 -13.20 8.01
C GLY B 212 -32.66 -13.52 8.03
N ILE B 213 -32.01 -13.37 6.88
CA ILE B 213 -30.59 -13.66 6.76
C ILE B 213 -29.75 -12.66 7.57
N VAL B 214 -30.13 -11.38 7.49
CA VAL B 214 -29.51 -10.33 8.31
C VAL B 214 -29.64 -10.63 9.81
N HIS B 215 -30.80 -11.15 10.23
CA HIS B 215 -31.07 -11.47 11.64
C HIS B 215 -30.23 -12.66 12.12
N VAL B 216 -30.05 -13.66 11.26
CA VAL B 216 -29.18 -14.79 11.58
C VAL B 216 -27.74 -14.35 11.72
N LEU B 217 -27.29 -13.51 10.79
CA LEU B 217 -25.95 -12.93 10.82
C LEU B 217 -25.74 -12.15 12.12
N ARG B 218 -26.77 -11.41 12.54
CA ARG B 218 -26.73 -10.61 13.76
C ARG B 218 -26.40 -11.47 14.99
N LEU B 219 -27.14 -12.56 15.17
CA LEU B 219 -26.99 -13.40 16.36
C LEU B 219 -25.76 -14.27 16.28
N HIS B 220 -25.43 -14.74 15.07
CA HIS B 220 -24.22 -15.52 14.85
C HIS B 220 -22.98 -14.72 15.24
N LEU B 221 -22.94 -13.45 14.81
CA LEU B 221 -21.84 -12.54 15.16
C LEU B 221 -21.76 -12.31 16.66
N GLN B 222 -22.91 -12.18 17.31
CA GLN B 222 -22.98 -11.99 18.76
C GLN B 222 -22.47 -13.22 19.53
N SER B 223 -22.70 -14.40 18.97
CA SER B 223 -22.19 -15.66 19.54
C SER B 223 -20.68 -15.78 19.34
N ASN B 224 -20.25 -15.79 18.08
CA ASN B 224 -18.87 -16.11 17.77
C ASN B 224 -17.91 -14.96 18.05
N HIS B 225 -18.45 -13.76 18.25
CA HIS B 225 -17.62 -12.60 18.54
C HIS B 225 -18.20 -11.69 19.64
N PRO B 226 -18.34 -12.22 20.87
CA PRO B 226 -18.96 -11.40 21.91
C PRO B 226 -18.02 -10.34 22.45
N ASP B 227 -16.83 -10.24 21.86
CA ASP B 227 -15.81 -9.26 22.25
C ASP B 227 -15.95 -7.96 21.47
N ASP B 228 -16.54 -8.04 20.28
CA ASP B 228 -16.98 -6.83 19.59
C ASP B 228 -18.47 -6.94 19.31
N ILE B 229 -19.24 -6.55 20.32
CA ILE B 229 -20.68 -6.60 20.28
C ILE B 229 -21.24 -5.78 19.11
N PHE B 230 -20.46 -4.82 18.63
CA PHE B 230 -20.88 -4.00 17.49
C PHE B 230 -20.23 -4.41 16.17
N LEU B 231 -19.85 -5.68 16.06
CA LEU B 231 -19.31 -6.24 14.82
C LEU B 231 -20.32 -6.13 13.66
N PHE B 232 -21.59 -6.39 13.96
CA PHE B 232 -22.66 -6.37 12.99
C PHE B 232 -22.81 -5.00 12.29
N PRO B 233 -22.97 -3.90 13.06
CA PRO B 233 -22.96 -2.57 12.46
C PRO B 233 -21.69 -2.30 11.66
N LYS B 234 -20.54 -2.68 12.22
CA LYS B 234 -19.28 -2.56 11.49
C LYS B 234 -19.36 -3.23 10.11
N LEU B 235 -20.09 -4.34 10.04
CA LEU B 235 -20.28 -5.07 8.79
C LEU B 235 -21.28 -4.43 7.85
N LEU B 236 -22.24 -3.70 8.41
CA LEU B 236 -23.16 -2.93 7.57
C LEU B 236 -22.42 -1.77 6.88
N GLN B 237 -21.47 -1.16 7.58
CA GLN B 237 -20.56 -0.17 6.98
C GLN B 237 -19.82 -0.78 5.80
N LYS B 238 -19.25 -1.97 6.00
CA LYS B 238 -18.49 -2.69 4.94
C LYS B 238 -19.30 -2.93 3.66
N MET B 239 -20.57 -3.31 3.81
CA MET B 239 -21.48 -3.39 2.65
C MET B 239 -21.43 -2.11 1.83
N ALA B 240 -21.59 -0.98 2.52
CA ALA B 240 -21.51 0.34 1.92
C ALA B 240 -20.16 0.53 1.26
N ASP B 241 -19.08 0.28 1.99
CA ASP B 241 -17.73 0.38 1.43
C ASP B 241 -17.53 -0.42 0.14
N LEU B 242 -18.21 -1.56 0.06
CA LEU B 242 -18.16 -2.43 -1.12
C LEU B 242 -18.99 -1.92 -2.26
N ARG B 243 -20.12 -1.30 -1.97
CA ARG B 243 -20.95 -0.75 -3.04
C ARG B 243 -20.15 0.25 -3.86
N GLN B 244 -19.37 1.08 -3.18
CA GLN B 244 -18.57 2.09 -3.85
C GLN B 244 -17.29 1.53 -4.41
N LEU B 245 -16.69 0.57 -3.72
CA LEU B 245 -15.54 -0.13 -4.26
C LEU B 245 -15.87 -0.74 -5.64
N VAL B 246 -16.95 -1.53 -5.67
CA VAL B 246 -17.55 -2.05 -6.90
C VAL B 246 -17.89 -0.93 -7.93
N THR B 247 -18.51 0.17 -7.50
CA THR B 247 -18.83 1.29 -8.41
C THR B 247 -17.58 1.89 -9.06
N GLU B 248 -16.62 2.31 -8.24
CA GLU B 248 -15.34 2.75 -8.72
C GLU B 248 -14.72 1.70 -9.64
N HIS B 249 -14.79 0.43 -9.24
CA HIS B 249 -14.21 -0.64 -10.06
C HIS B 249 -14.91 -0.78 -11.41
N ALA B 250 -16.21 -0.49 -11.44
CA ALA B 250 -16.97 -0.54 -12.67
C ALA B 250 -16.50 0.47 -13.71
N GLN B 251 -15.86 1.54 -13.23
CA GLN B 251 -15.46 2.64 -14.12
C GLN B 251 -14.01 2.56 -14.60
N LEU B 252 -13.11 2.05 -13.76
CA LEU B 252 -11.73 1.75 -14.16
C LEU B 252 -11.66 0.62 -15.17
N VAL B 253 -12.65 -0.27 -15.14
CA VAL B 253 -12.75 -1.35 -16.12
C VAL B 253 -13.18 -0.81 -17.47
N GLN B 254 -14.20 0.05 -17.48
CA GLN B 254 -14.69 0.65 -18.71
C GLN B 254 -13.59 1.50 -19.36
N ILE B 255 -12.91 2.29 -18.54
CA ILE B 255 -11.79 3.07 -19.00
C ILE B 255 -10.82 2.14 -19.74
N ILE B 256 -10.28 1.17 -19.02
CA ILE B 256 -9.32 0.24 -19.58
C ILE B 256 -9.86 -0.48 -20.83
N LYS B 257 -11.16 -0.69 -20.88
CA LYS B 257 -11.76 -1.24 -22.10
C LYS B 257 -11.70 -0.20 -23.23
N LYS B 258 -12.29 0.98 -22.97
CA LYS B 258 -12.39 2.10 -23.94
C LYS B 258 -11.07 2.66 -24.47
N THR B 259 -10.00 2.59 -23.67
CA THR B 259 -8.74 3.17 -24.08
C THR B 259 -7.76 2.10 -24.57
N GLU B 260 -7.33 1.24 -23.65
CA GLU B 260 -6.22 0.28 -23.90
C GLU B 260 -6.55 -0.77 -24.97
N SER B 261 -5.94 -0.58 -26.14
CA SER B 261 -6.31 -1.26 -27.40
C SER B 261 -6.18 -2.79 -27.39
N ASP B 262 -5.49 -3.34 -26.40
CA ASP B 262 -5.39 -4.79 -26.27
C ASP B 262 -6.12 -5.30 -25.01
N ALA B 263 -7.11 -4.53 -24.57
CA ALA B 263 -7.91 -4.93 -23.41
C ALA B 263 -9.28 -5.48 -23.82
N ALA B 264 -9.38 -6.81 -23.83
CA ALA B 264 -10.62 -7.52 -24.07
C ALA B 264 -11.36 -7.75 -22.76
N LEU B 265 -12.64 -7.39 -22.73
CA LEU B 265 -13.50 -7.71 -21.61
C LEU B 265 -14.35 -8.96 -21.92
N HIS B 266 -14.22 -9.97 -21.06
CA HIS B 266 -15.03 -11.20 -21.14
C HIS B 266 -16.51 -10.87 -21.30
N PRO B 267 -17.17 -11.49 -22.29
CA PRO B 267 -18.57 -11.17 -22.61
C PRO B 267 -19.54 -11.41 -21.47
N LEU B 268 -19.26 -12.37 -20.59
CA LEU B 268 -20.10 -12.55 -19.40
C LEU B 268 -20.04 -11.33 -18.49
N LEU B 269 -18.82 -10.87 -18.23
CA LEU B 269 -18.61 -9.68 -17.42
C LEU B 269 -19.18 -8.42 -18.07
N GLN B 270 -19.19 -8.37 -19.40
CA GLN B 270 -19.77 -7.24 -20.13
C GLN B 270 -21.23 -7.10 -19.77
N GLU B 271 -21.96 -8.19 -19.92
CA GLU B 271 -23.38 -8.25 -19.58
C GLU B 271 -23.64 -7.84 -18.13
N ILE B 272 -22.88 -8.40 -17.21
CA ILE B 272 -22.95 -8.04 -15.81
C ILE B 272 -22.84 -6.53 -15.62
N TYR B 273 -21.84 -5.91 -16.25
CA TYR B 273 -21.60 -4.47 -16.10
C TYR B 273 -22.66 -3.60 -16.73
N ARG B 274 -23.34 -4.13 -17.76
CA ARG B 274 -24.28 -3.33 -18.52
C ARG B 274 -25.36 -2.77 -17.60
N ASP B 275 -25.12 -1.55 -17.12
CA ASP B 275 -26.06 -0.72 -16.35
C ASP B 275 -25.73 -0.55 -14.86
N MET B 276 -24.47 -0.22 -14.59
CA MET B 276 -24.03 0.12 -13.23
C MET B 276 -23.06 1.30 -13.30
N TYR B 277 -21.86 1.15 -12.99
#